data_6DNO
#
_entry.id   6DNO
#
_cell.length_a   60.476
_cell.length_b   65.744
_cell.length_c   160.355
_cell.angle_alpha   90.00
_cell.angle_beta   90.00
_cell.angle_gamma   90.00
#
_symmetry.space_group_name_H-M   'C 2 2 21'
#
loop_
_entity.id
_entity.type
_entity.pdbx_description
1 polymer 'Serine/threonine-protein phosphatase PP1-alpha catalytic subunit'
2 polymer 'Protein phosphatase 1 regulatory subunit 3A'
3 polymer Microcystin-LR
4 water water
#
loop_
_entity_poly.entity_id
_entity_poly.type
_entity_poly.pdbx_seq_one_letter_code
_entity_poly.pdbx_strand_id
1 'polypeptide(L)'
;GHMGSLNLDSIIGRLLEVQGSRPGKNVQLTENEIRGLCLKSREIFLSQPILLELEAPLKICGDIHGQYYDLLRLFEYGGF
PPESNYLFLGDYVDRGKQSLETICLLLAYKIKYPENFFLLRGNHECASINRIYGFYDECKRRYNIKLWKTFTDCFNCLPI
AAIVDEKIFCCHGGLSPDLQSMEQIRRIMRPTDVPDQGLLCDLLWSDPDKDVQGWGENDRGVSFTFGAEVVAKFLHKHDL
DLICRAHQVVEDGYEFFAKRQLVTLFSAPNYCGEFDNAGAMMSVDETLMCSFQILKPAD
;
A
2 'polypeptide(L)' RRVSFADNFGFNLVSVKEFDTWELPSVSTT B
3 'polypeptide(L)' (DAL)L(ACB)R(1ZN)(FGA)(DAM) C
#
# COMPACT_ATOMS: atom_id res chain seq x y z
N LEU A 6 -16.41 20.30 -5.58
CA LEU A 6 -15.22 19.79 -4.89
C LEU A 6 -14.06 20.76 -5.03
N ASN A 7 -13.80 21.55 -3.98
CA ASN A 7 -12.63 22.44 -3.96
C ASN A 7 -11.45 21.61 -3.48
N LEU A 8 -10.78 20.98 -4.43
CA LEU A 8 -9.70 20.04 -4.12
C LEU A 8 -8.54 20.74 -3.43
N ASP A 9 -8.10 21.88 -3.98
CA ASP A 9 -6.94 22.57 -3.41
C ASP A 9 -7.19 23.02 -1.97
N SER A 10 -8.42 23.41 -1.66
CA SER A 10 -8.73 23.79 -0.28
C SER A 10 -8.66 22.59 0.65
N ILE A 11 -9.18 21.44 0.20
CA ILE A 11 -9.17 20.24 1.04
C ILE A 11 -7.73 19.82 1.32
N ILE A 12 -6.92 19.75 0.26
CA ILE A 12 -5.52 19.37 0.43
C ILE A 12 -4.81 20.37 1.33
N GLY A 13 -5.11 21.66 1.17
CA GLY A 13 -4.49 22.67 2.02
C GLY A 13 -4.80 22.48 3.49
N ARG A 14 -6.08 22.25 3.81
CA ARG A 14 -6.45 22.01 5.20
C ARG A 14 -5.84 20.71 5.72
N LEU A 15 -5.70 19.70 4.85
CA LEU A 15 -5.10 18.44 5.28
C LEU A 15 -3.62 18.62 5.58
N LEU A 16 -2.94 19.47 4.82
CA LEU A 16 -1.51 19.73 5.01
C LEU A 16 -1.22 20.84 6.02
N GLU A 17 -2.25 21.42 6.65
CA GLU A 17 -2.00 22.46 7.64
C GLU A 17 -1.46 21.89 8.94
N VAL A 18 -1.77 20.63 9.25
CA VAL A 18 -1.21 19.97 10.42
C VAL A 18 0.29 19.79 10.30
N GLN A 19 0.83 19.93 9.09
CA GLN A 19 2.25 19.72 8.84
C GLN A 19 3.09 20.64 9.71
N GLY A 20 3.80 20.06 10.68
CA GLY A 20 4.62 20.80 11.61
C GLY A 20 4.01 20.98 12.99
N SER A 21 2.74 20.65 13.16
CA SER A 21 2.03 20.90 14.41
C SER A 21 2.15 19.68 15.33
N ARG A 22 1.31 19.62 16.36
CA ARG A 22 1.34 18.52 17.31
C ARG A 22 0.88 17.23 16.63
N PRO A 23 1.65 16.14 16.72
CA PRO A 23 1.21 14.88 16.11
C PRO A 23 -0.04 14.35 16.81
N GLY A 24 -1.10 14.17 16.04
CA GLY A 24 -2.39 13.73 16.55
C GLY A 24 -3.52 14.74 16.38
N LYS A 25 -3.23 15.99 16.03
CA LYS A 25 -4.27 16.99 15.83
C LYS A 25 -5.08 16.64 14.60
N ASN A 26 -6.41 16.69 14.73
CA ASN A 26 -7.31 16.22 13.68
C ASN A 26 -7.63 17.33 12.67
N VAL A 27 -7.87 16.90 11.43
CA VAL A 27 -8.49 17.73 10.41
C VAL A 27 -9.93 17.26 10.27
N GLN A 28 -10.88 18.14 10.56
CA GLN A 28 -12.29 17.78 10.47
C GLN A 28 -12.87 18.42 9.21
N LEU A 29 -12.65 17.74 8.08
CA LEU A 29 -13.32 18.10 6.85
C LEU A 29 -14.82 17.91 7.01
N THR A 30 -15.59 18.51 6.12
CA THR A 30 -17.03 18.29 6.17
C THR A 30 -17.38 16.95 5.57
N GLU A 31 -18.51 16.40 6.03
CA GLU A 31 -19.03 15.15 5.46
C GLU A 31 -19.16 15.25 3.94
N ASN A 32 -19.63 16.40 3.43
CA ASN A 32 -19.79 16.56 1.99
C ASN A 32 -18.45 16.48 1.27
N GLU A 33 -17.41 17.09 1.85
CA GLU A 33 -16.09 17.05 1.23
C GLU A 33 -15.55 15.62 1.19
N ILE A 34 -15.71 14.88 2.28
CA ILE A 34 -15.23 13.49 2.33
C ILE A 34 -16.01 12.65 1.33
N ARG A 35 -17.33 12.77 1.34
CA ARG A 35 -18.15 12.05 0.37
C ARG A 35 -17.74 12.40 -1.06
N GLY A 36 -17.43 13.67 -1.30
CA GLY A 36 -16.97 14.07 -2.63
C GLY A 36 -15.66 13.40 -3.02
N LEU A 37 -14.73 13.31 -2.08
CA LEU A 37 -13.48 12.59 -2.34
C LEU A 37 -13.75 11.13 -2.69
N CYS A 38 -14.63 10.47 -1.93
CA CYS A 38 -14.97 9.07 -2.20
C CYS A 38 -15.60 8.90 -3.57
N LEU A 39 -16.57 9.77 -3.91
CA LEU A 39 -17.30 9.56 -5.16
C LEU A 39 -16.42 9.84 -6.37
N LYS A 40 -15.61 10.89 -6.30
CA LYS A 40 -14.77 11.23 -7.44
C LYS A 40 -13.64 10.23 -7.60
N SER A 41 -13.01 9.81 -6.50
CA SER A 41 -11.96 8.81 -6.60
C SER A 41 -12.52 7.47 -7.10
N ARG A 42 -13.73 7.11 -6.65
CA ARG A 42 -14.36 5.88 -7.12
C ARG A 42 -14.52 5.88 -8.64
N GLU A 43 -14.94 7.02 -9.21
CA GLU A 43 -15.06 7.15 -10.66
C GLU A 43 -13.71 6.95 -11.34
N ILE A 44 -12.65 7.51 -10.75
CA ILE A 44 -11.33 7.37 -11.35
C ILE A 44 -10.84 5.93 -11.24
N PHE A 45 -11.05 5.29 -10.09
CA PHE A 45 -10.64 3.88 -9.98
C PHE A 45 -11.31 3.03 -11.05
N LEU A 46 -12.62 3.24 -11.28
CA LEU A 46 -13.32 2.43 -12.28
C LEU A 46 -12.89 2.75 -13.69
N SER A 47 -12.38 3.96 -13.94
CA SER A 47 -11.92 4.36 -15.25
C SER A 47 -10.53 3.85 -15.58
N GLN A 48 -9.83 3.32 -14.59
CA GLN A 48 -8.50 2.76 -14.78
C GLN A 48 -8.54 1.25 -14.57
N PRO A 49 -7.58 0.51 -15.11
CA PRO A 49 -7.62 -0.95 -15.01
C PRO A 49 -7.49 -1.44 -13.57
N ILE A 50 -8.05 -2.63 -13.33
CA ILE A 50 -7.92 -3.30 -12.03
C ILE A 50 -6.52 -3.86 -11.87
N LEU A 51 -5.84 -4.15 -12.98
CA LEU A 51 -4.42 -4.52 -12.98
C LEU A 51 -3.71 -3.35 -13.64
N LEU A 52 -3.11 -2.48 -12.82
CA LEU A 52 -2.46 -1.28 -13.34
C LEU A 52 -1.19 -1.64 -14.10
N GLU A 53 -0.93 -0.90 -15.18
CA GLU A 53 0.33 -1.03 -15.93
C GLU A 53 1.05 0.30 -15.81
N LEU A 54 2.11 0.32 -15.00
CA LEU A 54 2.76 1.55 -14.60
C LEU A 54 4.18 1.58 -15.15
N GLU A 55 4.72 2.79 -15.24
CA GLU A 55 6.09 3.00 -15.68
C GLU A 55 6.88 3.65 -14.55
N ALA A 56 8.15 3.25 -14.42
CA ALA A 56 9.06 3.94 -13.54
C ALA A 56 9.45 5.28 -14.16
N PRO A 57 9.92 6.24 -13.36
CA PRO A 57 10.23 6.18 -11.93
C PRO A 57 9.00 6.28 -11.04
N LEU A 58 9.10 5.67 -9.87
CA LEU A 58 7.97 5.51 -8.97
C LEU A 58 8.53 5.26 -7.57
N LYS A 59 7.82 5.76 -6.57
CA LYS A 59 8.05 5.39 -5.17
C LYS A 59 6.93 4.45 -4.77
N ILE A 60 7.27 3.35 -4.11
CA ILE A 60 6.29 2.34 -3.72
C ILE A 60 6.27 2.26 -2.21
N CYS A 61 5.07 2.34 -1.62
CA CYS A 61 4.88 2.34 -0.17
C CYS A 61 4.00 1.18 0.25
N GLY A 62 4.28 0.64 1.44
CA GLY A 62 3.48 -0.40 2.09
C GLY A 62 2.51 0.16 3.12
N ASP A 63 2.15 -0.68 4.09
CA ASP A 63 1.03 -0.37 5.01
C ASP A 63 1.24 0.95 5.74
N ILE A 64 0.15 1.72 5.84
CA ILE A 64 0.16 3.01 6.54
C ILE A 64 -0.68 2.97 7.81
N HIS A 65 -1.87 2.38 7.75
CA HIS A 65 -2.70 2.14 8.93
C HIS A 65 -2.97 3.41 9.74
N GLY A 66 -3.38 4.46 9.05
CA GLY A 66 -3.87 5.65 9.74
C GLY A 66 -2.83 6.44 10.51
N GLN A 67 -1.55 6.20 10.27
CA GLN A 67 -0.48 6.98 10.89
C GLN A 67 -0.22 8.21 10.03
N TYR A 68 -1.12 9.20 10.18
CA TYR A 68 -1.18 10.31 9.23
C TYR A 68 0.10 11.13 9.21
N TYR A 69 0.67 11.43 10.38
CA TYR A 69 1.88 12.23 10.37
C TYR A 69 3.06 11.47 9.78
N ASP A 70 3.06 10.15 9.92
CA ASP A 70 4.08 9.34 9.26
C ASP A 70 3.92 9.37 7.75
N LEU A 71 2.67 9.38 7.25
CA LEU A 71 2.44 9.60 5.83
C LEU A 71 3.02 10.93 5.38
N LEU A 72 2.82 11.99 6.16
CA LEU A 72 3.37 13.28 5.76
C LEU A 72 4.90 13.25 5.75
N ARG A 73 5.50 12.54 6.70
CA ARG A 73 6.96 12.39 6.69
C ARG A 73 7.43 11.62 5.46
N LEU A 74 6.68 10.58 5.06
CA LEU A 74 7.04 9.84 3.84
C LEU A 74 7.05 10.76 2.63
N PHE A 75 6.00 11.58 2.48
CA PHE A 75 5.94 12.51 1.37
C PHE A 75 7.03 13.56 1.45
N GLU A 76 7.37 14.02 2.66
CA GLU A 76 8.44 15.00 2.80
C GLU A 76 9.77 14.41 2.32
N TYR A 77 10.03 13.15 2.69
CA TYR A 77 11.28 12.50 2.32
C TYR A 77 11.28 12.12 0.84
N GLY A 78 10.18 11.52 0.36
CA GLY A 78 10.13 11.07 -1.02
C GLY A 78 9.82 12.16 -2.04
N GLY A 79 9.26 13.29 -1.60
CA GLY A 79 8.79 14.31 -2.52
C GLY A 79 7.28 14.33 -2.58
N PHE A 80 6.67 15.49 -2.36
CA PHE A 80 5.21 15.55 -2.40
C PHE A 80 4.74 15.45 -3.84
N PRO A 81 3.63 14.77 -4.10
CA PRO A 81 3.07 14.74 -5.46
C PRO A 81 2.88 16.16 -5.97
N PRO A 82 3.14 16.41 -7.26
CA PRO A 82 3.51 15.39 -8.25
C PRO A 82 5.01 15.36 -8.56
N GLU A 83 5.85 15.86 -7.65
CA GLU A 83 7.29 15.82 -7.90
C GLU A 83 7.80 14.39 -8.01
N SER A 84 7.18 13.46 -7.27
CA SER A 84 7.44 12.04 -7.43
C SER A 84 6.11 11.33 -7.70
N ASN A 85 6.19 10.26 -8.49
CA ASN A 85 5.05 9.38 -8.72
C ASN A 85 4.99 8.35 -7.61
N TYR A 86 3.78 7.99 -7.17
CA TYR A 86 3.59 7.06 -6.06
C TYR A 86 2.69 5.90 -6.43
N LEU A 87 3.03 4.72 -5.89
CA LEU A 87 2.16 3.56 -5.82
C LEU A 87 2.09 3.10 -4.37
N PHE A 88 0.90 3.12 -3.79
CA PHE A 88 0.70 2.58 -2.46
C PHE A 88 0.06 1.20 -2.58
N LEU A 89 0.44 0.31 -1.68
CA LEU A 89 0.07 -1.10 -1.75
C LEU A 89 -1.12 -1.46 -0.86
N GLY A 90 -1.78 -0.47 -0.24
CA GLY A 90 -3.00 -0.72 0.52
C GLY A 90 -2.80 -0.53 2.01
N ASP A 91 -3.88 -0.84 2.75
CA ASP A 91 -3.90 -0.73 4.22
C ASP A 91 -3.67 0.72 4.67
N TYR A 92 -4.60 1.58 4.22
CA TYR A 92 -4.58 3.00 4.56
C TYR A 92 -5.21 3.26 5.92
N VAL A 93 -6.16 2.40 6.31
CA VAL A 93 -6.99 2.60 7.49
C VAL A 93 -6.73 1.51 8.52
N ASP A 94 -7.39 1.63 9.69
CA ASP A 94 -7.28 0.73 10.83
C ASP A 94 -6.03 0.94 11.68
N ARG A 95 -6.15 0.60 12.96
CA ARG A 95 -5.06 0.63 13.95
C ARG A 95 -4.69 2.04 14.38
N GLY A 96 -4.36 2.90 13.43
CA GLY A 96 -3.89 4.23 13.76
C GLY A 96 -5.02 5.16 14.19
N LYS A 97 -4.62 6.34 14.64
CA LYS A 97 -5.57 7.29 15.20
C LYS A 97 -6.21 8.19 14.15
N GLN A 98 -5.64 8.27 12.95
CA GLN A 98 -6.07 9.23 11.95
C GLN A 98 -6.23 8.54 10.59
N SER A 99 -7.02 7.46 10.58
CA SER A 99 -7.37 6.82 9.31
C SER A 99 -8.06 7.80 8.36
N LEU A 100 -8.93 8.66 8.89
CA LEU A 100 -9.69 9.55 8.00
C LEU A 100 -8.78 10.55 7.28
N GLU A 101 -7.88 11.21 8.02
CA GLU A 101 -6.95 12.13 7.37
C GLU A 101 -6.09 11.40 6.35
N THR A 102 -5.65 10.19 6.70
CA THR A 102 -4.77 9.43 5.83
C THR A 102 -5.46 9.11 4.50
N ILE A 103 -6.65 8.51 4.58
CA ILE A 103 -7.35 8.13 3.35
C ILE A 103 -7.78 9.36 2.56
N CYS A 104 -8.21 10.41 3.26
CA CYS A 104 -8.66 11.61 2.55
C CYS A 104 -7.53 12.26 1.76
N LEU A 105 -6.33 12.36 2.34
CA LEU A 105 -5.21 12.94 1.58
C LEU A 105 -4.86 12.07 0.38
N LEU A 106 -4.85 10.75 0.58
CA LEU A 106 -4.54 9.84 -0.53
C LEU A 106 -5.59 9.93 -1.64
N LEU A 107 -6.87 9.94 -1.28
CA LEU A 107 -7.90 10.08 -2.31
C LEU A 107 -7.81 11.44 -3.00
N ALA A 108 -7.49 12.49 -2.24
CA ALA A 108 -7.35 13.81 -2.86
C ALA A 108 -6.24 13.84 -3.90
N TYR A 109 -5.08 13.23 -3.56
CA TYR A 109 -3.98 13.17 -4.52
C TYR A 109 -4.31 12.29 -5.71
N LYS A 110 -5.10 11.23 -5.51
CA LYS A 110 -5.54 10.43 -6.64
C LYS A 110 -6.39 11.26 -7.59
N ILE A 111 -7.28 12.11 -7.05
CA ILE A 111 -8.10 12.97 -7.90
C ILE A 111 -7.24 14.04 -8.57
N LYS A 112 -6.29 14.61 -7.83
CA LYS A 112 -5.48 15.71 -8.34
C LYS A 112 -4.50 15.25 -9.42
N TYR A 113 -3.87 14.09 -9.22
CA TYR A 113 -2.83 13.58 -10.11
C TYR A 113 -3.16 12.16 -10.53
N PRO A 114 -4.26 11.95 -11.25
CA PRO A 114 -4.75 10.60 -11.48
C PRO A 114 -3.85 9.72 -12.32
N GLU A 115 -2.92 10.29 -13.08
CA GLU A 115 -2.00 9.52 -13.90
C GLU A 115 -0.62 9.38 -13.28
N ASN A 116 -0.40 9.96 -12.09
CA ASN A 116 0.90 9.93 -11.44
C ASN A 116 0.83 9.46 -10.01
N PHE A 117 -0.32 8.98 -9.56
CA PHE A 117 -0.54 8.63 -8.17
C PHE A 117 -1.52 7.48 -8.14
N PHE A 118 -1.16 6.38 -7.46
CA PHE A 118 -1.91 5.14 -7.54
C PHE A 118 -2.02 4.48 -6.18
N LEU A 119 -3.20 3.90 -5.93
CA LEU A 119 -3.53 3.24 -4.68
C LEU A 119 -4.08 1.85 -4.98
N LEU A 120 -3.47 0.83 -4.40
CA LEU A 120 -4.02 -0.51 -4.48
C LEU A 120 -4.85 -0.81 -3.24
N ARG A 121 -5.64 -1.87 -3.34
CA ARG A 121 -6.49 -2.31 -2.24
C ARG A 121 -5.69 -3.19 -1.29
N GLY A 122 -5.76 -2.89 0.02
CA GLY A 122 -5.25 -3.79 1.03
C GLY A 122 -6.36 -4.62 1.66
N ASN A 123 -5.96 -5.57 2.50
CA ASN A 123 -6.98 -6.38 3.16
C ASN A 123 -7.80 -5.59 4.17
N HIS A 124 -7.33 -4.41 4.58
CA HIS A 124 -8.10 -3.56 5.48
C HIS A 124 -9.07 -2.63 4.76
N GLU A 125 -9.00 -2.54 3.44
CA GLU A 125 -10.00 -1.82 2.66
C GLU A 125 -11.16 -2.76 2.34
N CYS A 126 -11.75 -3.26 3.42
CA CYS A 126 -12.74 -4.33 3.40
C CYS A 126 -13.59 -4.15 4.66
N ALA A 127 -14.91 -4.11 4.49
CA ALA A 127 -15.80 -3.79 5.60
C ALA A 127 -15.70 -4.83 6.73
N SER A 128 -15.56 -6.12 6.39
CA SER A 128 -15.47 -7.12 7.43
C SER A 128 -14.27 -6.90 8.35
N ILE A 129 -13.20 -6.33 7.81
CA ILE A 129 -11.98 -6.11 8.59
C ILE A 129 -12.02 -4.77 9.30
N ASN A 130 -12.29 -3.70 8.56
CA ASN A 130 -12.21 -2.37 9.15
C ASN A 130 -13.40 -2.05 10.04
N ARG A 131 -14.41 -2.92 10.08
CA ARG A 131 -15.44 -2.79 11.10
C ARG A 131 -14.88 -3.09 12.48
N ILE A 132 -13.92 -4.02 12.56
CA ILE A 132 -13.31 -4.46 13.81
C ILE A 132 -12.04 -3.69 14.13
N TYR A 133 -11.24 -3.36 13.12
CA TYR A 133 -9.87 -2.93 13.37
C TYR A 133 -9.69 -1.43 13.48
N GLY A 134 -10.78 -0.66 13.53
CA GLY A 134 -10.70 0.71 13.96
C GLY A 134 -11.42 1.72 13.09
N PHE A 135 -11.53 1.44 11.78
CA PHE A 135 -12.03 2.47 10.87
C PHE A 135 -13.52 2.73 11.07
N TYR A 136 -14.30 1.67 11.29
CA TYR A 136 -15.72 1.87 11.60
C TYR A 136 -15.87 2.76 12.83
N ASP A 137 -15.14 2.44 13.90
CA ASP A 137 -15.23 3.22 15.13
C ASP A 137 -14.84 4.68 14.89
N GLU A 138 -13.78 4.92 14.13
CA GLU A 138 -13.37 6.30 13.85
C GLU A 138 -14.44 7.04 13.06
N CYS A 139 -15.04 6.38 12.07
CA CYS A 139 -16.09 7.02 11.28
C CYS A 139 -17.31 7.31 12.14
N LYS A 140 -17.68 6.37 13.01
CA LYS A 140 -18.86 6.54 13.85
C LYS A 140 -18.66 7.63 14.89
N ARG A 141 -17.43 7.81 15.36
CA ARG A 141 -17.15 8.82 16.37
C ARG A 141 -17.05 10.21 15.76
N ARG A 142 -16.34 10.34 14.64
CA ARG A 142 -16.08 11.65 14.06
C ARG A 142 -17.14 12.09 13.06
N TYR A 143 -17.85 11.15 12.45
CA TYR A 143 -18.87 11.47 11.45
C TYR A 143 -20.11 10.63 11.68
N ASN A 144 -20.36 9.62 10.83
CA ASN A 144 -21.48 8.73 11.04
C ASN A 144 -21.24 7.41 10.31
N ILE A 145 -22.15 6.47 10.52
CA ILE A 145 -22.05 5.15 9.90
C ILE A 145 -22.25 5.22 8.40
N LYS A 146 -23.10 6.15 7.93
CA LYS A 146 -23.34 6.27 6.49
C LYS A 146 -22.05 6.63 5.74
N LEU A 147 -21.21 7.46 6.35
CA LEU A 147 -19.95 7.80 5.70
C LEU A 147 -19.05 6.58 5.59
N TRP A 148 -19.02 5.75 6.64
CA TRP A 148 -18.26 4.51 6.57
C TRP A 148 -18.69 3.66 5.38
N LYS A 149 -20.00 3.58 5.13
CA LYS A 149 -20.51 2.81 3.99
C LYS A 149 -20.12 3.43 2.66
N THR A 150 -20.05 4.76 2.60
CA THR A 150 -19.56 5.42 1.38
C THR A 150 -18.09 5.05 1.13
N PHE A 151 -17.29 4.98 2.19
CA PHE A 151 -15.90 4.54 2.02
C PHE A 151 -15.85 3.11 1.50
N THR A 152 -16.68 2.23 2.05
CA THR A 152 -16.71 0.84 1.58
C THR A 152 -17.00 0.76 0.09
N ASP A 153 -18.00 1.51 -0.38
CA ASP A 153 -18.32 1.52 -1.81
C ASP A 153 -17.15 2.00 -2.64
N CYS A 154 -16.40 2.98 -2.11
CA CYS A 154 -15.19 3.44 -2.79
C CYS A 154 -14.11 2.37 -2.78
N PHE A 155 -13.82 1.80 -1.59
CA PHE A 155 -12.81 0.75 -1.48
C PHE A 155 -13.12 -0.44 -2.37
N ASN A 156 -14.41 -0.76 -2.55
CA ASN A 156 -14.79 -1.89 -3.37
C ASN A 156 -14.38 -1.71 -4.84
N CYS A 157 -13.96 -0.52 -5.22
CA CYS A 157 -13.53 -0.23 -6.58
C CYS A 157 -12.03 -0.04 -6.73
N LEU A 158 -11.24 -0.17 -5.65
CA LEU A 158 -9.80 -0.01 -5.78
C LEU A 158 -9.21 -1.10 -6.68
N PRO A 159 -8.17 -0.78 -7.45
CA PRO A 159 -7.46 -1.82 -8.20
C PRO A 159 -6.71 -2.74 -7.26
N ILE A 160 -6.34 -3.90 -7.80
CA ILE A 160 -5.86 -5.02 -6.98
C ILE A 160 -4.36 -5.29 -7.15
N ALA A 161 -3.79 -5.00 -8.30
CA ALA A 161 -2.37 -5.26 -8.52
C ALA A 161 -1.85 -4.26 -9.53
N ALA A 162 -0.52 -4.20 -9.64
CA ALA A 162 0.13 -3.32 -10.61
C ALA A 162 1.40 -4.01 -11.09
N ILE A 163 1.73 -3.78 -12.36
CA ILE A 163 2.97 -4.26 -12.94
C ILE A 163 3.73 -3.04 -13.41
N VAL A 164 4.97 -2.90 -12.95
CA VAL A 164 5.82 -1.76 -13.30
C VAL A 164 6.76 -2.20 -14.40
N ASP A 165 6.65 -1.55 -15.57
CA ASP A 165 7.56 -1.78 -16.71
C ASP A 165 7.67 -3.26 -17.08
N GLU A 166 6.57 -3.99 -16.93
CA GLU A 166 6.48 -5.41 -17.29
C GLU A 166 7.44 -6.28 -16.48
N LYS A 167 7.97 -5.78 -15.36
N LYS A 167 7.95 -5.77 -15.35
CA LYS A 167 9.01 -6.49 -14.63
CA LYS A 167 9.02 -6.45 -14.63
C LYS A 167 8.83 -6.56 -13.11
C LYS A 167 8.79 -6.59 -13.13
N ILE A 168 8.05 -5.68 -12.50
CA ILE A 168 7.81 -5.73 -11.05
C ILE A 168 6.31 -5.92 -10.83
N PHE A 169 5.93 -7.04 -10.22
CA PHE A 169 4.54 -7.34 -9.91
C PHE A 169 4.28 -6.92 -8.48
N CYS A 170 3.26 -6.07 -8.29
CA CYS A 170 2.96 -5.46 -7.00
C CYS A 170 1.54 -5.79 -6.58
N CYS A 171 1.39 -6.23 -5.34
CA CYS A 171 0.07 -6.39 -4.74
C CYS A 171 0.23 -6.31 -3.23
N HIS A 172 -0.90 -6.24 -2.54
CA HIS A 172 -0.81 -6.03 -1.10
C HIS A 172 -0.31 -7.25 -0.37
N GLY A 173 -0.93 -8.40 -0.64
CA GLY A 173 -0.65 -9.62 0.10
C GLY A 173 0.38 -10.47 -0.59
N GLY A 174 -0.02 -11.24 -1.60
CA GLY A 174 0.97 -12.03 -2.30
C GLY A 174 0.38 -12.86 -3.43
N LEU A 175 1.03 -13.96 -3.74
CA LEU A 175 0.63 -14.81 -4.84
C LEU A 175 -0.56 -15.67 -4.41
N SER A 176 -1.18 -16.33 -5.39
CA SER A 176 -2.29 -17.23 -5.17
C SER A 176 -2.02 -18.53 -5.92
N PRO A 177 -2.37 -19.67 -5.33
CA PRO A 177 -2.25 -20.94 -6.06
C PRO A 177 -3.21 -21.03 -7.23
N ASP A 178 -4.19 -20.12 -7.30
CA ASP A 178 -5.14 -20.06 -8.40
C ASP A 178 -4.62 -19.24 -9.58
N LEU A 179 -3.53 -18.50 -9.41
CA LEU A 179 -3.14 -17.48 -10.40
C LEU A 179 -2.18 -18.08 -11.42
N GLN A 180 -2.70 -18.38 -12.61
CA GLN A 180 -1.87 -18.78 -13.74
C GLN A 180 -1.70 -17.69 -14.77
N SER A 181 -2.68 -16.81 -14.93
CA SER A 181 -2.67 -15.80 -15.98
C SER A 181 -3.08 -14.46 -15.39
N MET A 182 -2.40 -13.39 -15.84
CA MET A 182 -2.82 -12.05 -15.45
C MET A 182 -4.25 -11.76 -15.87
N GLU A 183 -4.74 -12.45 -16.91
CA GLU A 183 -6.12 -12.26 -17.33
C GLU A 183 -7.10 -12.57 -16.22
N GLN A 184 -6.73 -13.48 -15.30
CA GLN A 184 -7.62 -13.81 -14.20
C GLN A 184 -7.83 -12.61 -13.29
N ILE A 185 -6.81 -11.78 -13.13
CA ILE A 185 -6.98 -10.55 -12.36
C ILE A 185 -7.85 -9.58 -13.13
N ARG A 186 -7.60 -9.42 -14.44
CA ARG A 186 -8.33 -8.45 -15.25
C ARG A 186 -9.81 -8.77 -15.33
N ARG A 187 -10.18 -10.03 -15.17
CA ARG A 187 -11.57 -10.45 -15.26
C ARG A 187 -12.35 -10.22 -13.97
N ILE A 188 -11.71 -9.76 -12.90
CA ILE A 188 -12.44 -9.44 -11.68
C ILE A 188 -13.22 -8.16 -11.90
N MET A 189 -14.52 -8.19 -11.65
CA MET A 189 -15.36 -7.02 -11.88
C MET A 189 -15.53 -6.22 -10.59
N ARG A 190 -15.67 -4.91 -10.76
CA ARG A 190 -15.86 -4.04 -9.61
C ARG A 190 -17.17 -3.27 -9.75
N PRO A 191 -17.79 -2.88 -8.63
CA PRO A 191 -17.36 -3.10 -7.25
C PRO A 191 -17.42 -4.57 -6.82
N THR A 192 -16.54 -4.93 -5.89
CA THR A 192 -16.55 -6.25 -5.30
C THR A 192 -16.13 -6.16 -3.84
N ASP A 193 -16.70 -7.04 -3.03
CA ASP A 193 -16.19 -7.32 -1.71
C ASP A 193 -14.96 -8.22 -1.83
N VAL A 194 -14.26 -8.40 -0.71
CA VAL A 194 -13.15 -9.34 -0.63
C VAL A 194 -13.69 -10.66 -0.09
N PRO A 195 -13.65 -11.76 -0.84
CA PRO A 195 -14.13 -13.04 -0.32
C PRO A 195 -13.14 -13.63 0.67
N ASP A 196 -13.61 -14.61 1.45
CA ASP A 196 -12.73 -15.30 2.38
C ASP A 196 -11.99 -16.48 1.76
N GLN A 197 -12.07 -16.63 0.43
CA GLN A 197 -11.38 -17.70 -0.27
C GLN A 197 -11.30 -17.30 -1.73
N GLY A 198 -10.20 -17.68 -2.38
CA GLY A 198 -10.06 -17.49 -3.81
C GLY A 198 -8.99 -16.49 -4.16
N LEU A 199 -8.92 -16.21 -5.47
CA LEU A 199 -7.83 -15.43 -6.04
C LEU A 199 -7.72 -14.05 -5.42
N LEU A 200 -8.84 -13.32 -5.34
CA LEU A 200 -8.79 -11.97 -4.80
C LEU A 200 -8.42 -11.97 -3.33
N CYS A 201 -8.98 -12.90 -2.56
CA CYS A 201 -8.57 -13.08 -1.17
C CYS A 201 -7.07 -13.24 -1.06
N ASP A 202 -6.49 -14.14 -1.86
CA ASP A 202 -5.07 -14.44 -1.78
C ASP A 202 -4.21 -13.24 -2.14
N LEU A 203 -4.59 -12.50 -3.18
CA LEU A 203 -3.81 -11.34 -3.57
C LEU A 203 -3.71 -10.32 -2.45
N LEU A 204 -4.70 -10.28 -1.56
CA LEU A 204 -4.72 -9.34 -0.46
C LEU A 204 -4.22 -9.91 0.85
N TRP A 205 -4.11 -11.24 0.96
CA TRP A 205 -3.90 -11.88 2.26
C TRP A 205 -2.71 -12.81 2.36
N SER A 206 -2.18 -13.36 1.25
CA SER A 206 -1.19 -14.40 1.41
C SER A 206 0.16 -13.85 1.84
N ASP A 207 1.02 -14.75 2.32
CA ASP A 207 2.32 -14.36 2.89
C ASP A 207 3.39 -15.31 2.38
N PRO A 208 4.60 -14.81 2.14
CA PRO A 208 5.74 -15.70 1.92
C PRO A 208 6.14 -16.38 3.21
N ASP A 209 6.72 -17.57 3.09
CA ASP A 209 7.21 -18.29 4.26
C ASP A 209 8.41 -19.13 3.85
N LYS A 210 9.55 -18.94 4.52
CA LYS A 210 10.75 -19.68 4.16
C LYS A 210 10.68 -21.16 4.55
N ASP A 211 9.74 -21.56 5.39
CA ASP A 211 9.67 -22.92 5.89
C ASP A 211 8.63 -23.78 5.17
N VAL A 212 8.13 -23.31 4.03
CA VAL A 212 7.11 -24.02 3.28
C VAL A 212 7.70 -24.39 1.94
N GLN A 213 7.42 -25.60 1.49
CA GLN A 213 7.80 -26.07 0.16
C GLN A 213 6.55 -26.00 -0.71
N GLY A 214 6.51 -25.00 -1.58
CA GLY A 214 5.32 -24.78 -2.38
C GLY A 214 4.33 -23.96 -1.61
N TRP A 215 3.10 -24.42 -1.59
CA TRP A 215 2.01 -23.74 -0.91
C TRP A 215 1.73 -24.38 0.42
N GLY A 216 1.45 -23.55 1.42
CA GLY A 216 1.17 -24.04 2.75
C GLY A 216 0.00 -23.30 3.36
N GLU A 217 -0.39 -23.74 4.55
CA GLU A 217 -1.45 -23.07 5.28
C GLU A 217 -0.94 -21.74 5.81
N ASN A 218 -1.89 -20.85 6.11
CA ASN A 218 -1.57 -19.54 6.65
C ASN A 218 -2.14 -19.46 8.06
N ASP A 219 -1.26 -19.15 9.03
CA ASP A 219 -1.62 -19.09 10.45
C ASP A 219 -2.67 -18.03 10.74
N ARG A 220 -2.87 -17.06 9.84
CA ARG A 220 -3.92 -16.07 10.05
C ARG A 220 -5.32 -16.67 9.98
N GLY A 221 -5.45 -17.88 9.44
CA GLY A 221 -6.75 -18.53 9.32
C GLY A 221 -7.44 -18.28 8.00
N VAL A 222 -6.76 -17.68 7.04
CA VAL A 222 -7.33 -17.40 5.73
C VAL A 222 -6.16 -17.38 4.76
N SER A 223 -6.45 -17.71 3.51
CA SER A 223 -5.43 -17.73 2.44
C SER A 223 -4.33 -18.75 2.75
N PHE A 224 -3.13 -18.50 2.21
CA PHE A 224 -2.07 -19.49 2.14
C PHE A 224 -0.73 -18.80 2.37
N THR A 225 0.29 -19.61 2.59
CA THR A 225 1.68 -19.19 2.49
C THR A 225 2.32 -19.82 1.26
N PHE A 226 3.38 -19.19 0.78
CA PHE A 226 4.11 -19.69 -0.38
C PHE A 226 5.60 -19.57 -0.13
N GLY A 227 6.35 -20.52 -0.67
CA GLY A 227 7.79 -20.56 -0.52
C GLY A 227 8.55 -19.93 -1.68
N ALA A 228 9.87 -20.02 -1.56
CA ALA A 228 10.75 -19.38 -2.53
C ALA A 228 10.62 -19.98 -3.92
N GLU A 229 10.35 -21.28 -4.02
CA GLU A 229 10.22 -21.90 -5.34
C GLU A 229 8.96 -21.43 -6.07
N VAL A 230 7.88 -21.17 -5.34
CA VAL A 230 6.69 -20.58 -5.93
C VAL A 230 7.00 -19.22 -6.52
N VAL A 231 7.79 -18.41 -5.79
CA VAL A 231 8.21 -17.10 -6.29
C VAL A 231 8.99 -17.25 -7.59
N ALA A 232 10.01 -18.12 -7.59
CA ALA A 232 10.84 -18.28 -8.78
C ALA A 232 10.01 -18.74 -9.98
N LYS A 233 9.11 -19.70 -9.78
CA LYS A 233 8.29 -20.19 -10.88
C LYS A 233 7.37 -19.10 -11.43
N PHE A 234 6.75 -18.32 -10.53
CA PHE A 234 5.89 -17.24 -10.97
C PHE A 234 6.65 -16.23 -11.80
N LEU A 235 7.82 -15.81 -11.32
CA LEU A 235 8.61 -14.83 -12.04
C LEU A 235 9.00 -15.35 -13.42
N HIS A 236 9.47 -16.60 -13.50
CA HIS A 236 9.88 -17.15 -14.79
C HIS A 236 8.69 -17.27 -15.75
N LYS A 237 7.55 -17.75 -15.25
CA LYS A 237 6.40 -17.93 -16.12
C LYS A 237 5.94 -16.62 -16.74
N HIS A 238 6.08 -15.52 -16.02
CA HIS A 238 5.53 -14.24 -16.45
C HIS A 238 6.59 -13.26 -16.91
N ASP A 239 7.84 -13.70 -17.04
CA ASP A 239 8.95 -12.85 -17.47
C ASP A 239 9.08 -11.62 -16.58
N LEU A 240 8.92 -11.81 -15.27
CA LEU A 240 9.07 -10.76 -14.28
C LEU A 240 10.37 -10.94 -13.51
N ASP A 241 10.80 -9.85 -12.87
CA ASP A 241 12.04 -9.86 -12.09
C ASP A 241 11.82 -9.78 -10.59
N LEU A 242 10.70 -9.24 -10.14
CA LEU A 242 10.55 -8.93 -8.72
C LEU A 242 9.08 -8.89 -8.35
N ILE A 243 8.76 -9.43 -7.18
CA ILE A 243 7.47 -9.22 -6.53
C ILE A 243 7.67 -8.19 -5.43
N CYS A 244 6.81 -7.19 -5.40
CA CYS A 244 6.81 -6.18 -4.36
C CYS A 244 5.45 -6.20 -3.66
N ARG A 245 5.46 -6.45 -2.36
CA ARG A 245 4.22 -6.61 -1.62
C ARG A 245 4.40 -5.98 -0.23
N ALA A 246 3.35 -6.06 0.58
CA ALA A 246 3.34 -5.37 1.86
C ALA A 246 2.82 -6.33 2.93
N HIS A 247 1.90 -5.89 3.81
CA HIS A 247 1.05 -6.80 4.58
C HIS A 247 1.69 -7.43 5.83
N GLN A 248 3.02 -7.36 5.97
CA GLN A 248 3.68 -7.85 7.18
C GLN A 248 4.63 -6.81 7.75
N VAL A 249 4.60 -6.69 9.08
CA VAL A 249 5.52 -5.78 9.76
C VAL A 249 6.93 -6.34 9.65
N VAL A 250 7.85 -5.53 9.14
CA VAL A 250 9.25 -5.92 9.04
C VAL A 250 10.13 -4.86 9.68
N GLU A 251 11.19 -5.31 10.35
CA GLU A 251 11.90 -4.45 11.30
C GLU A 251 12.52 -3.23 10.63
N ASP A 252 13.08 -3.39 9.44
CA ASP A 252 13.76 -2.31 8.73
C ASP A 252 12.85 -1.57 7.76
N GLY A 253 11.56 -1.89 7.72
CA GLY A 253 10.64 -1.32 6.79
C GLY A 253 10.60 -2.00 5.44
N TYR A 254 11.68 -2.67 5.06
CA TYR A 254 11.72 -3.52 3.88
C TYR A 254 12.41 -4.81 4.28
N GLU A 255 12.11 -5.88 3.54
CA GLU A 255 12.76 -7.16 3.78
C GLU A 255 12.72 -8.03 2.53
N PHE A 256 13.86 -8.55 2.15
CA PHE A 256 13.92 -9.43 0.99
C PHE A 256 13.50 -10.85 1.35
N PHE A 257 13.06 -11.56 0.33
CA PHE A 257 12.71 -12.97 0.42
C PHE A 257 13.14 -13.63 -0.88
N ALA A 258 13.61 -14.88 -0.80
CA ALA A 258 13.90 -15.69 -1.98
C ALA A 258 14.93 -15.03 -2.91
N LYS A 259 16.14 -14.81 -2.37
CA LYS A 259 17.26 -14.31 -3.20
C LYS A 259 16.91 -13.02 -3.96
N ARG A 260 16.35 -12.06 -3.22
CA ARG A 260 15.94 -10.75 -3.73
C ARG A 260 14.89 -10.83 -4.83
N GLN A 261 14.16 -11.94 -4.93
CA GLN A 261 13.08 -12.04 -5.90
C GLN A 261 11.76 -11.48 -5.38
N LEU A 262 11.67 -11.26 -4.07
CA LEU A 262 10.50 -10.66 -3.48
C LEU A 262 10.94 -9.68 -2.41
N VAL A 263 10.22 -8.58 -2.28
CA VAL A 263 10.45 -7.66 -1.19
CA VAL A 263 10.45 -7.60 -1.22
C VAL A 263 9.12 -7.31 -0.53
N THR A 264 9.15 -7.27 0.80
CA THR A 264 8.04 -6.81 1.62
C THR A 264 8.33 -5.37 2.07
N LEU A 265 7.37 -4.49 1.89
CA LEU A 265 7.45 -3.10 2.32
C LEU A 265 6.40 -2.84 3.40
N PHE A 266 6.81 -2.11 4.44
CA PHE A 266 5.88 -1.74 5.50
C PHE A 266 6.24 -0.32 5.88
N SER A 267 5.24 0.57 5.87
CA SER A 267 5.54 2.00 5.87
C SER A 267 5.07 2.73 7.11
N ALA A 268 4.62 2.01 8.15
CA ALA A 268 4.12 2.63 9.37
C ALA A 268 5.11 2.36 10.50
N PRO A 269 5.94 3.35 10.86
CA PRO A 269 6.95 3.10 11.90
C PRO A 269 6.32 2.82 13.26
N ASN A 270 7.03 2.02 14.05
CA ASN A 270 6.65 1.70 15.42
C ASN A 270 5.19 1.29 15.52
N TYR A 271 4.84 0.31 14.70
CA TYR A 271 3.46 -0.16 14.60
C TYR A 271 3.11 -1.12 15.72
N CYS A 272 4.06 -1.94 16.15
CA CYS A 272 3.83 -3.06 17.05
C CYS A 272 4.47 -2.78 18.41
N GLY A 273 4.12 -3.64 19.36
CA GLY A 273 4.69 -3.56 20.70
C GLY A 273 5.78 -4.60 20.91
N GLU A 274 5.92 -5.53 19.98
CA GLU A 274 6.91 -6.59 20.11
C GLU A 274 8.30 -6.17 19.63
N PHE A 275 8.39 -5.19 18.74
CA PHE A 275 9.68 -4.68 18.31
C PHE A 275 9.49 -3.30 17.69
N ASP A 276 10.54 -2.49 17.74
CA ASP A 276 10.55 -1.26 16.97
C ASP A 276 10.67 -1.60 15.50
N ASN A 277 10.06 -0.79 14.66
CA ASN A 277 10.22 -0.98 13.23
C ASN A 277 10.30 0.36 12.53
N ALA A 278 11.10 0.42 11.49
CA ALA A 278 11.11 1.57 10.61
C ALA A 278 10.01 1.38 9.56
N GLY A 279 9.68 2.48 8.90
CA GLY A 279 8.85 2.43 7.70
C GLY A 279 9.76 2.63 6.50
N ALA A 280 9.46 1.94 5.41
CA ALA A 280 10.26 2.11 4.21
C ALA A 280 9.40 2.33 2.97
N MET A 281 10.00 2.99 1.99
CA MET A 281 9.52 3.09 0.62
C MET A 281 10.59 2.53 -0.29
N MET A 282 10.19 1.97 -1.42
CA MET A 282 11.14 1.53 -2.43
C MET A 282 11.09 2.52 -3.58
N SER A 283 12.23 3.11 -3.91
CA SER A 283 12.37 4.00 -5.05
CA SER A 283 12.36 4.00 -5.05
C SER A 283 12.86 3.20 -6.25
N VAL A 284 12.12 3.27 -7.35
CA VAL A 284 12.44 2.58 -8.59
C VAL A 284 12.79 3.66 -9.62
N ASP A 285 14.04 3.68 -10.07
CA ASP A 285 14.40 4.69 -11.06
C ASP A 285 13.97 4.25 -12.46
N GLU A 286 14.20 5.13 -13.43
CA GLU A 286 13.72 4.86 -14.79
C GLU A 286 14.38 3.63 -15.40
N THR A 287 15.59 3.28 -14.97
CA THR A 287 16.28 2.09 -15.45
C THR A 287 15.94 0.84 -14.64
N LEU A 288 14.99 0.94 -13.71
CA LEU A 288 14.59 -0.13 -12.80
C LEU A 288 15.63 -0.45 -11.74
N MET A 289 16.49 0.51 -11.41
CA MET A 289 17.37 0.33 -10.27
C MET A 289 16.61 0.74 -9.01
N CYS A 290 16.60 -0.16 -8.04
CA CYS A 290 15.77 -0.01 -6.85
C CYS A 290 16.64 0.28 -5.63
N SER A 291 16.10 1.11 -4.74
CA SER A 291 16.75 1.47 -3.48
C SER A 291 15.64 1.75 -2.48
N PHE A 292 16.01 1.90 -1.22
CA PHE A 292 15.00 2.07 -0.17
C PHE A 292 15.25 3.36 0.61
N GLN A 293 14.17 4.07 0.89
CA GLN A 293 14.18 5.24 1.76
C GLN A 293 13.46 4.86 3.04
N ILE A 294 14.15 5.00 4.17
CA ILE A 294 13.70 4.46 5.45
C ILE A 294 13.44 5.62 6.40
N LEU A 295 12.29 5.60 7.06
CA LEU A 295 11.94 6.53 8.12
C LEU A 295 12.06 5.79 9.45
N LYS A 296 13.03 6.18 10.26
CA LYS A 296 13.33 5.49 11.49
C LYS A 296 13.17 6.45 12.66
N PRO A 297 12.41 6.09 13.69
CA PRO A 297 12.39 6.92 14.89
C PRO A 297 13.81 7.07 15.43
N ALA A 298 14.12 8.27 15.93
CA ALA A 298 15.49 8.57 16.35
C ALA A 298 15.94 7.74 17.55
N ASP A 299 15.00 7.29 18.37
CA ASP A 299 15.31 6.39 19.47
C ASP A 299 14.11 5.49 19.76
N ARG B 1 16.92 -4.08 -19.81
CA ARG B 1 17.65 -4.09 -18.56
C ARG B 1 16.81 -4.66 -17.41
N ARG B 2 17.39 -5.64 -16.72
CA ARG B 2 16.73 -6.31 -15.60
C ARG B 2 16.61 -5.34 -14.42
N VAL B 3 15.58 -5.56 -13.59
CA VAL B 3 15.54 -4.90 -12.29
C VAL B 3 16.87 -5.13 -11.58
N SER B 4 17.39 -4.08 -10.95
CA SER B 4 18.63 -4.15 -10.21
C SER B 4 18.43 -3.45 -8.87
N PHE B 5 19.42 -3.62 -7.99
CA PHE B 5 19.43 -2.92 -6.72
C PHE B 5 20.71 -2.09 -6.62
N ALA B 6 20.59 -0.95 -5.93
CA ALA B 6 21.63 0.06 -5.99
C ALA B 6 22.96 -0.46 -5.47
N ASP B 7 22.95 -1.36 -4.49
CA ASP B 7 24.21 -1.90 -4.01
C ASP B 7 24.90 -2.83 -5.02
N ASN B 8 24.28 -3.15 -6.15
CA ASN B 8 24.96 -3.90 -7.21
C ASN B 8 26.10 -3.10 -7.80
N PHE B 9 26.08 -1.77 -7.68
CA PHE B 9 26.97 -0.90 -8.43
C PHE B 9 27.67 0.11 -7.53
N GLY B 10 27.75 -0.16 -6.23
CA GLY B 10 28.50 0.68 -5.32
C GLY B 10 27.73 1.84 -4.71
N PHE B 11 26.42 1.90 -4.92
CA PHE B 11 25.59 2.89 -4.23
C PHE B 11 25.07 2.29 -2.93
N ASN B 12 24.66 3.16 -2.01
CA ASN B 12 23.93 2.70 -0.84
C ASN B 12 22.62 2.05 -1.29
N LEU B 13 22.31 0.90 -0.69
CA LEU B 13 21.00 0.29 -0.92
C LEU B 13 19.91 1.09 -0.23
N VAL B 14 20.21 1.65 0.94
CA VAL B 14 19.23 2.36 1.73
C VAL B 14 19.73 3.76 2.08
N SER B 15 18.78 4.66 2.29
CA SER B 15 19.00 5.97 2.86
C SER B 15 18.07 6.07 4.05
N VAL B 16 18.56 6.59 5.17
CA VAL B 16 17.80 6.59 6.42
C VAL B 16 17.58 8.02 6.87
N LYS B 17 16.34 8.36 7.15
CA LYS B 17 15.98 9.64 7.75
C LYS B 17 15.45 9.35 9.15
N GLU B 18 16.17 9.81 10.17
CA GLU B 18 15.66 9.69 11.53
C GLU B 18 14.76 10.87 11.83
N PHE B 19 13.71 10.62 12.61
CA PHE B 19 12.73 11.65 12.90
C PHE B 19 12.37 11.62 14.38
N ASP B 20 11.98 12.79 14.88
CA ASP B 20 11.41 12.94 16.21
C ASP B 20 9.90 12.97 16.04
N THR B 21 9.20 12.08 16.74
CA THR B 21 7.77 11.90 16.53
C THR B 21 7.00 13.21 16.71
N TRP B 22 7.44 14.06 17.63
CA TRP B 22 6.81 15.34 17.89
C TRP B 22 7.27 16.38 16.87
N LEU C 2 -0.47 -7.25 17.87
CA LEU C 2 -1.71 -6.57 18.18
C LEU C 2 -3.00 -7.42 17.97
N ARG C 4 -3.47 -12.23 14.80
CA ARG C 4 -2.55 -12.46 13.57
C ARG C 4 -3.25 -11.68 12.34
#